data_6QH0
#
_entry.id   6QH0
#
_cell.length_a   46.545
_cell.length_b   83.109
_cell.length_c   89.601
_cell.angle_alpha   95.810
_cell.angle_beta   95.500
_cell.angle_gamma   105.110
#
_symmetry.space_group_name_H-M   'P 1'
#
loop_
_entity.id
_entity.type
_entity.pdbx_description
1 polymer 'hsRosR DNA binding protein'
2 polymer 'DNA (28-MER)'
3 polymer 'DNA (28-MER)'
4 non-polymer 'SULFATE ION'
5 non-polymer 'MANGANESE (II) ION'
6 water water
#
loop_
_entity_poly.entity_id
_entity_poly.type
_entity_poly.pdbx_seq_one_letter_code
_entity_poly.pdbx_strand_id
1 'polypeptide(L)'
;PDARSDARDLTAFQKNILTVLGEEARYGLAIKRELEEYYGEEVNHGRLYPNLDDLVNKGLVEKSELDKRTNEYALTNEGF
DAVVDDLEWTLSKFVADADRRERVETIVADDAAALE
;
A,B,C,D
2 'polydeoxyribonucleotide'
;(DA)(DA)(DG)(DT)(DC)(DA)(DT)(DG)(DT)(DA)(DA)(DG)(DA)(DG)(DG)(DG)(DA)(DT)(DG)(DA)
(DC)(DA)(DC)(DT)(DT)(DC)(DG)(DC)
;
E,G
3 'polydeoxyribonucleotide'
;(DG)(DC)(DG)(DA)(DA)(DG)(DT)(DG)(DT)(DC)(DA)(DT)(DC)(DC)(DC)(DT)(DC)(DT)(DT)(DA)
(DC)(DA)(DT)(DG)(DA)(DC)(DT)(DT)
;
F,H
#
# COMPACT_ATOMS: atom_id res chain seq x y z
N ASP A 2 -22.58 7.94 -23.34
CA ASP A 2 -22.77 7.68 -21.91
C ASP A 2 -21.48 7.16 -21.29
N ALA A 3 -21.25 7.55 -20.03
CA ALA A 3 -20.01 7.19 -19.35
C ALA A 3 -20.03 5.72 -18.93
N ARG A 4 -21.17 5.22 -18.48
CA ARG A 4 -21.26 3.82 -18.08
C ARG A 4 -21.03 2.89 -19.26
N SER A 5 -21.42 3.31 -20.47
CA SER A 5 -21.20 2.48 -21.65
C SER A 5 -19.71 2.22 -21.85
N ASP A 6 -18.89 3.26 -21.76
CA ASP A 6 -17.44 3.09 -21.87
C ASP A 6 -16.89 2.42 -20.62
N ALA A 7 -17.32 2.90 -19.44
CA ALA A 7 -16.79 2.37 -18.18
C ALA A 7 -17.02 0.87 -18.06
N ARG A 8 -18.19 0.39 -18.48
CA ARG A 8 -18.55 -1.01 -18.24
C ARG A 8 -17.64 -1.96 -19.01
N ASP A 9 -17.22 -1.59 -20.21
CA ASP A 9 -16.41 -2.45 -21.06
C ASP A 9 -14.95 -2.01 -20.97
N LEU A 10 -14.34 -2.35 -19.83
CA LEU A 10 -12.95 -1.98 -19.56
C LEU A 10 -12.31 -3.06 -18.70
N THR A 11 -11.13 -3.51 -19.13
CA THR A 11 -10.35 -4.42 -18.31
C THR A 11 -10.01 -3.76 -16.97
N ALA A 12 -9.73 -4.59 -15.97
CA ALA A 12 -9.28 -4.06 -14.69
C ALA A 12 -7.94 -3.35 -14.85
N PHE A 13 -7.05 -3.90 -15.69
CA PHE A 13 -5.80 -3.22 -15.99
C PHE A 13 -6.03 -1.86 -16.63
N GLN A 14 -7.15 -1.70 -17.34
CA GLN A 14 -7.46 -0.43 -17.96
C GLN A 14 -8.16 0.51 -16.98
N LYS A 15 -9.00 -0.02 -16.11
CA LYS A 15 -9.55 0.83 -15.06
C LYS A 15 -8.43 1.33 -14.15
N ASN A 16 -7.38 0.52 -13.96
CA ASN A 16 -6.25 0.97 -13.15
C ASN A 16 -5.47 2.05 -13.88
N ILE A 17 -5.31 1.92 -15.20
CA ILE A 17 -4.62 2.96 -15.96
C ILE A 17 -5.37 4.28 -15.85
N LEU A 18 -6.70 4.24 -15.96
CA LEU A 18 -7.47 5.47 -15.89
C LEU A 18 -7.42 6.08 -14.49
N THR A 19 -7.52 5.26 -13.45
CA THR A 19 -7.40 5.78 -12.09
C THR A 19 -6.03 6.41 -11.88
N VAL A 20 -4.99 5.83 -12.49
CA VAL A 20 -3.66 6.44 -12.43
C VAL A 20 -3.69 7.83 -13.04
N LEU A 21 -4.26 7.94 -14.25
CA LEU A 21 -4.33 9.21 -14.95
C LEU A 21 -5.31 10.19 -14.31
N GLY A 22 -6.23 9.70 -13.49
CA GLY A 22 -7.10 10.60 -12.75
C GLY A 22 -6.35 11.42 -11.74
N GLU A 23 -5.28 10.86 -11.16
CA GLU A 23 -4.46 11.61 -10.22
C GLU A 23 -3.69 12.71 -10.93
N GLU A 24 -3.10 12.40 -12.09
CA GLU A 24 -2.26 13.36 -12.79
C GLU A 24 -1.90 12.77 -14.15
N ALA A 25 -1.76 13.65 -15.13
CA ALA A 25 -1.30 13.24 -16.45
C ALA A 25 0.17 12.84 -16.40
N ARG A 26 0.47 11.64 -16.85
CA ARG A 26 1.82 11.08 -16.80
C ARG A 26 2.29 10.68 -18.20
N TYR A 27 3.57 10.36 -18.29
CA TYR A 27 4.14 9.78 -19.50
C TYR A 27 4.21 8.26 -19.36
N GLY A 28 4.41 7.61 -20.50
CA GLY A 28 4.28 6.17 -20.59
C GLY A 28 4.83 5.38 -19.42
N LEU A 29 6.15 5.38 -19.24
CA LEU A 29 6.75 4.53 -18.21
C LEU A 29 6.39 5.00 -16.81
N ALA A 30 6.10 6.29 -16.63
CA ALA A 30 5.65 6.77 -15.33
C ALA A 30 4.38 6.04 -14.90
N ILE A 31 3.43 5.88 -15.81
CA ILE A 31 2.26 5.05 -15.56
C ILE A 31 2.71 3.65 -15.16
N LYS A 32 3.68 3.10 -15.90
CA LYS A 32 4.16 1.75 -15.62
C LYS A 32 4.60 1.63 -14.17
N ARG A 33 5.40 2.59 -13.70
CA ARG A 33 6.00 2.45 -12.37
C ARG A 33 4.94 2.48 -11.27
N GLU A 34 3.88 3.28 -11.43
CA GLU A 34 2.84 3.30 -10.42
C GLU A 34 1.97 2.05 -10.47
N LEU A 35 1.78 1.50 -11.67
CA LEU A 35 1.08 0.22 -11.76
C LEU A 35 1.91 -0.91 -11.14
N GLU A 36 3.24 -0.78 -11.18
CA GLU A 36 4.09 -1.75 -10.50
C GLU A 36 4.00 -1.59 -8.98
N GLU A 37 3.78 -0.37 -8.50
CA GLU A 37 3.60 -0.13 -7.08
C GLU A 37 2.22 -0.55 -6.61
N TYR A 38 1.25 -0.63 -7.51
CA TYR A 38 -0.07 -1.12 -7.14
C TYR A 38 -0.10 -2.64 -7.10
N TYR A 39 0.32 -3.28 -8.20
CA TYR A 39 0.24 -4.73 -8.32
C TYR A 39 1.28 -5.47 -7.50
N GLY A 40 2.37 -4.79 -7.11
CA GLY A 40 3.50 -5.50 -6.54
C GLY A 40 4.19 -6.38 -7.54
N GLU A 41 4.08 -6.05 -8.83
CA GLU A 41 4.59 -6.85 -9.93
C GLU A 41 5.36 -5.94 -10.89
N GLU A 42 6.17 -6.56 -11.75
CA GLU A 42 6.78 -5.85 -12.86
C GLU A 42 5.78 -5.83 -14.02
N VAL A 43 5.45 -4.64 -14.51
CA VAL A 43 4.40 -4.48 -15.50
C VAL A 43 5.04 -4.45 -16.88
N ASN A 44 4.75 -5.46 -17.69
CA ASN A 44 5.35 -5.55 -19.02
C ASN A 44 4.93 -4.35 -19.87
N HIS A 45 5.92 -3.58 -20.33
CA HIS A 45 5.61 -2.42 -21.16
C HIS A 45 4.98 -2.84 -22.49
N GLY A 46 5.25 -4.06 -22.94
CA GLY A 46 4.54 -4.58 -24.10
C GLY A 46 3.05 -4.78 -23.87
N ARG A 47 2.60 -4.68 -22.62
CA ARG A 47 1.20 -4.70 -22.26
C ARG A 47 0.65 -3.31 -21.96
N LEU A 48 1.53 -2.38 -21.55
CA LEU A 48 1.08 -1.04 -21.18
C LEU A 48 0.68 -0.22 -22.41
N TYR A 49 1.45 -0.30 -23.49
CA TYR A 49 1.26 0.57 -24.64
C TYR A 49 0.12 0.09 -25.54
N PRO A 50 -0.05 -1.21 -25.75
CA PRO A 50 -1.25 -1.66 -26.50
C PRO A 50 -2.54 -1.19 -25.87
N ASN A 51 -2.73 -1.40 -24.57
CA ASN A 51 -3.95 -0.95 -23.91
C ASN A 51 -4.05 0.58 -23.92
N LEU A 52 -2.96 1.26 -23.55
CA LEU A 52 -2.97 2.72 -23.52
C LEU A 52 -3.52 3.28 -24.84
N ASP A 53 -2.94 2.85 -25.96
CA ASP A 53 -3.45 3.28 -27.26
C ASP A 53 -4.86 2.74 -27.52
N ASP A 54 -5.23 1.64 -26.88
CA ASP A 54 -6.59 1.12 -27.03
C ASP A 54 -7.59 1.95 -26.25
N LEU A 55 -7.18 2.61 -25.18
CA LEU A 55 -8.03 3.59 -24.51
C LEU A 55 -8.10 4.91 -25.26
N VAL A 56 -7.08 5.22 -26.08
CA VAL A 56 -7.15 6.40 -26.92
C VAL A 56 -8.10 6.16 -28.10
N ASN A 57 -8.19 4.92 -28.57
CA ASN A 57 -9.14 4.59 -29.62
C ASN A 57 -10.58 4.74 -29.14
N LYS A 58 -10.82 4.50 -27.84
CA LYS A 58 -12.15 4.64 -27.28
C LYS A 58 -12.48 6.08 -26.89
N GLY A 59 -11.50 6.98 -26.90
CA GLY A 59 -11.75 8.38 -26.61
C GLY A 59 -11.58 8.78 -25.16
N LEU A 60 -11.04 7.91 -24.32
CA LEU A 60 -10.90 8.20 -22.90
C LEU A 60 -9.52 8.77 -22.54
N VAL A 61 -8.54 8.63 -23.42
CA VAL A 61 -7.19 9.13 -23.18
C VAL A 61 -6.75 9.97 -24.37
N GLU A 62 -6.07 11.08 -24.10
CA GLU A 62 -5.47 11.92 -25.14
C GLU A 62 -3.96 11.69 -25.10
N LYS A 63 -3.41 11.25 -26.24
CA LYS A 63 -1.98 10.95 -26.35
C LYS A 63 -1.27 12.17 -26.94
N SER A 64 -0.68 12.97 -26.07
CA SER A 64 0.09 14.13 -26.49
C SER A 64 1.55 13.72 -26.64
N GLU A 65 2.44 14.70 -26.81
CA GLU A 65 3.86 14.45 -27.01
C GLU A 65 4.66 15.41 -26.15
N LEU A 66 5.41 14.86 -25.19
CA LEU A 66 6.26 15.70 -24.35
C LEU A 66 7.59 16.00 -25.06
N ASP A 67 8.31 14.96 -25.46
CA ASP A 67 9.52 15.03 -26.28
C ASP A 67 9.39 14.02 -27.43
N LYS A 68 10.29 14.13 -28.40
CA LYS A 68 10.26 13.27 -29.59
C LYS A 68 10.35 11.78 -29.25
N ARG A 69 10.80 11.43 -28.04
CA ARG A 69 10.81 10.06 -27.58
C ARG A 69 9.82 9.80 -26.45
N THR A 70 9.11 10.84 -25.97
CA THR A 70 8.24 10.76 -24.82
C THR A 70 6.82 11.16 -25.20
N ASN A 71 5.85 10.39 -24.73
CA ASN A 71 4.44 10.69 -24.86
C ASN A 71 3.87 11.03 -23.49
N GLU A 72 2.99 12.04 -23.44
CA GLU A 72 2.28 12.38 -22.21
C GLU A 72 0.82 12.00 -22.36
N TYR A 73 0.40 11.02 -21.55
CA TYR A 73 -0.96 10.51 -21.55
C TYR A 73 -1.79 11.21 -20.49
N ALA A 74 -3.07 11.44 -20.80
CA ALA A 74 -3.95 12.15 -19.89
C ALA A 74 -5.39 11.73 -20.18
N LEU A 75 -6.28 12.02 -19.24
CA LEU A 75 -7.68 11.66 -19.37
C LEU A 75 -8.45 12.72 -20.13
N THR A 76 -9.33 12.28 -21.02
CA THR A 76 -10.29 13.17 -21.65
C THR A 76 -11.44 13.44 -20.68
N ASN A 77 -12.30 14.38 -21.06
CA ASN A 77 -13.54 14.58 -20.31
C ASN A 77 -14.35 13.30 -20.27
N GLU A 78 -14.49 12.62 -21.42
CA GLU A 78 -15.13 11.31 -21.45
C GLU A 78 -14.34 10.32 -20.59
N GLY A 79 -13.02 10.37 -20.64
CA GLY A 79 -12.21 9.50 -19.80
C GLY A 79 -12.49 9.71 -18.33
N PHE A 80 -12.55 10.97 -17.90
CA PHE A 80 -12.77 11.27 -16.50
C PHE A 80 -14.19 10.91 -16.05
N ASP A 81 -15.17 11.05 -16.95
CA ASP A 81 -16.53 10.70 -16.58
C ASP A 81 -16.70 9.19 -16.42
N ALA A 82 -15.89 8.41 -17.13
CA ALA A 82 -15.88 6.97 -16.91
C ALA A 82 -15.36 6.64 -15.51
N VAL A 83 -14.32 7.34 -15.06
CA VAL A 83 -13.78 7.10 -13.73
C VAL A 83 -14.79 7.52 -12.66
N VAL A 84 -15.48 8.62 -12.90
CA VAL A 84 -16.43 9.12 -11.91
C VAL A 84 -17.55 8.11 -11.69
N ASP A 85 -18.02 7.45 -12.75
CA ASP A 85 -19.33 6.80 -12.66
C ASP A 85 -19.26 5.37 -12.12
N ASP A 86 -18.10 4.68 -12.22
CA ASP A 86 -17.73 3.43 -11.56
C ASP A 86 -17.07 3.69 -10.21
N LEU A 87 -16.73 4.95 -9.92
CA LEU A 87 -16.59 5.38 -8.53
C LEU A 87 -17.97 5.49 -7.89
N GLU A 88 -18.89 6.18 -8.57
CA GLU A 88 -20.27 6.30 -8.08
C GLU A 88 -20.92 4.92 -7.91
N TRP A 89 -20.57 3.97 -8.77
CA TRP A 89 -21.20 2.66 -8.69
C TRP A 89 -20.77 1.90 -7.46
N THR A 90 -19.46 1.82 -7.20
CA THR A 90 -19.00 1.10 -6.03
C THR A 90 -19.38 1.81 -4.74
N LEU A 91 -19.50 3.15 -4.79
CA LEU A 91 -19.88 3.89 -3.59
C LEU A 91 -21.36 3.74 -3.30
N SER A 92 -22.19 3.57 -4.33
CA SER A 92 -23.61 3.31 -4.10
C SER A 92 -23.82 1.96 -3.45
N LYS A 93 -22.97 0.97 -3.76
CA LYS A 93 -23.08 -0.36 -3.17
C LYS A 93 -22.36 -0.44 -1.83
N PHE A 94 -21.34 0.37 -1.61
CA PHE A 94 -20.64 0.35 -0.32
C PHE A 94 -21.42 1.09 0.75
N VAL A 95 -21.90 2.29 0.44
CA VAL A 95 -22.68 3.10 1.37
C VAL A 95 -24.03 2.43 1.58
N ALA A 96 -24.07 1.37 2.38
CA ALA A 96 -25.29 0.62 2.63
C ALA A 96 -25.88 0.90 4.00
N ASP A 97 -25.22 1.70 4.83
CA ASP A 97 -25.71 1.99 6.17
C ASP A 97 -24.82 3.09 6.77
N ALA A 98 -25.12 3.45 8.02
CA ALA A 98 -24.40 4.53 8.68
C ALA A 98 -22.91 4.24 8.73
N ASP A 99 -22.53 3.07 9.26
CA ASP A 99 -21.11 2.78 9.49
C ASP A 99 -20.34 2.67 8.18
N ARG A 100 -21.00 2.29 7.09
CA ARG A 100 -20.34 2.31 5.78
C ARG A 100 -20.17 3.73 5.27
N ARG A 101 -21.10 4.63 5.60
CA ARG A 101 -20.93 6.04 5.27
C ARG A 101 -19.83 6.66 6.13
N GLU A 102 -19.85 6.38 7.43
CA GLU A 102 -18.79 6.88 8.31
C GLU A 102 -17.43 6.39 7.85
N ARG A 103 -17.33 5.12 7.46
CA ARG A 103 -16.05 4.57 7.03
C ARG A 103 -15.52 5.29 5.80
N VAL A 104 -16.40 5.56 4.82
CA VAL A 104 -15.96 6.20 3.58
C VAL A 104 -15.43 7.59 3.86
N GLU A 105 -16.24 8.41 4.54
CA GLU A 105 -15.84 9.80 4.76
C GLU A 105 -14.58 9.91 5.61
N THR A 106 -14.24 8.88 6.38
CA THR A 106 -12.96 8.89 7.08
C THR A 106 -11.81 8.65 6.13
N ILE A 107 -12.01 7.80 5.12
CA ILE A 107 -11.01 7.63 4.07
C ILE A 107 -10.76 8.94 3.36
N VAL A 108 -11.84 9.59 2.91
CA VAL A 108 -11.70 10.86 2.20
C VAL A 108 -11.08 11.91 3.10
N ALA A 109 -11.34 11.85 4.41
CA ALA A 109 -10.71 12.79 5.33
C ALA A 109 -9.22 12.51 5.45
N ASP A 110 -8.85 11.27 5.74
CA ASP A 110 -7.43 10.91 5.77
C ASP A 110 -6.78 11.07 4.40
N ASP A 111 -7.59 11.00 3.33
CA ASP A 111 -7.06 11.25 1.99
C ASP A 111 -6.83 12.74 1.77
N ALA A 112 -7.81 13.57 2.13
CA ALA A 112 -7.69 15.01 1.93
C ALA A 112 -6.61 15.64 2.80
N ALA A 113 -6.25 15.00 3.92
CA ALA A 113 -5.20 15.53 4.77
C ALA A 113 -3.82 15.27 4.22
N ALA A 114 -3.68 14.37 3.25
CA ALA A 114 -2.40 14.03 2.67
C ALA A 114 -2.03 14.90 1.47
N LEU A 115 -2.76 16.00 1.23
CA LEU A 115 -2.53 16.85 0.08
C LEU A 115 -1.79 18.14 0.45
N GLU A 116 -0.99 18.10 1.51
CA GLU A 116 -0.11 19.21 1.84
C GLU A 116 1.34 18.74 1.93
N PRO B 1 -4.38 -12.95 7.24
CA PRO B 1 -4.36 -12.73 5.79
C PRO B 1 -4.66 -11.29 5.41
N ASP B 2 -4.00 -10.79 4.37
CA ASP B 2 -4.24 -9.45 3.83
C ASP B 2 -4.90 -9.57 2.48
N ALA B 3 -5.96 -8.78 2.26
CA ALA B 3 -6.74 -8.89 1.03
C ALA B 3 -5.94 -8.40 -0.18
N ARG B 4 -5.14 -7.35 0.00
CA ARG B 4 -4.36 -6.79 -1.11
C ARG B 4 -3.65 -7.88 -1.91
N SER B 5 -3.03 -8.84 -1.21
CA SER B 5 -2.25 -9.87 -1.89
C SER B 5 -3.10 -10.69 -2.85
N ASP B 6 -4.37 -10.92 -2.52
CA ASP B 6 -5.23 -11.81 -3.27
C ASP B 6 -6.33 -11.09 -4.06
N ALA B 7 -6.44 -9.77 -3.94
CA ALA B 7 -7.56 -9.04 -4.50
C ALA B 7 -7.14 -7.92 -5.44
N ARG B 8 -5.88 -7.89 -5.87
CA ARG B 8 -5.42 -6.87 -6.80
C ARG B 8 -5.15 -7.41 -8.20
N ASP B 9 -5.38 -8.69 -8.43
CA ASP B 9 -5.25 -9.28 -9.77
C ASP B 9 -6.57 -9.86 -10.27
N LEU B 10 -7.69 -9.51 -9.65
CA LEU B 10 -8.98 -10.02 -10.07
C LEU B 10 -9.45 -9.32 -11.35
N THR B 11 -10.15 -10.07 -12.20
CA THR B 11 -10.77 -9.47 -13.38
C THR B 11 -11.81 -8.45 -12.95
N ALA B 12 -12.15 -7.55 -13.88
CA ALA B 12 -13.20 -6.57 -13.60
C ALA B 12 -14.49 -7.27 -13.20
N PHE B 13 -14.84 -8.36 -13.89
CA PHE B 13 -16.03 -9.13 -13.54
C PHE B 13 -15.96 -9.60 -12.09
N GLN B 14 -14.81 -10.13 -11.67
CA GLN B 14 -14.69 -10.61 -10.30
C GLN B 14 -14.74 -9.47 -9.29
N LYS B 15 -14.16 -8.32 -9.64
CA LYS B 15 -14.24 -7.18 -8.74
C LYS B 15 -15.66 -6.63 -8.66
N ASN B 16 -16.38 -6.63 -9.80
CA ASN B 16 -17.78 -6.22 -9.78
C ASN B 16 -18.64 -7.18 -8.98
N ILE B 17 -18.28 -8.47 -8.99
CA ILE B 17 -18.99 -9.43 -8.14
C ILE B 17 -18.84 -9.04 -6.67
N LEU B 18 -17.61 -8.80 -6.22
CA LEU B 18 -17.39 -8.45 -4.83
C LEU B 18 -18.05 -7.13 -4.48
N THR B 19 -18.05 -6.18 -5.41
CA THR B 19 -18.76 -4.92 -5.17
C THR B 19 -20.24 -5.19 -4.90
N VAL B 20 -20.84 -6.09 -5.66
CA VAL B 20 -22.26 -6.41 -5.46
C VAL B 20 -22.48 -6.95 -4.05
N LEU B 21 -21.72 -7.99 -3.68
CA LEU B 21 -21.85 -8.56 -2.34
C LEU B 21 -21.55 -7.53 -1.26
N GLY B 22 -20.77 -6.50 -1.58
CA GLY B 22 -20.53 -5.44 -0.61
C GLY B 22 -21.82 -4.79 -0.13
N GLU B 23 -22.84 -4.73 -1.00
CA GLU B 23 -24.12 -4.17 -0.59
C GLU B 23 -24.85 -5.11 0.36
N GLU B 24 -24.95 -6.38 0.01
CA GLU B 24 -25.46 -7.40 0.92
C GLU B 24 -25.35 -8.75 0.24
N ALA B 25 -25.36 -9.80 1.07
CA ALA B 25 -25.23 -11.15 0.56
C ALA B 25 -26.43 -11.51 -0.32
N ARG B 26 -26.16 -12.22 -1.42
CA ARG B 26 -27.18 -12.58 -2.37
C ARG B 26 -26.92 -14.00 -2.87
N TYR B 27 -27.95 -14.61 -3.44
CA TYR B 27 -27.81 -15.93 -4.04
C TYR B 27 -27.45 -15.80 -5.52
N GLY B 28 -26.96 -16.90 -6.09
CA GLY B 28 -26.40 -16.92 -7.42
C GLY B 28 -27.10 -16.04 -8.45
N LEU B 29 -28.39 -16.29 -8.68
CA LEU B 29 -29.09 -15.53 -9.71
C LEU B 29 -29.40 -14.10 -9.30
N ALA B 30 -29.34 -13.79 -7.99
CA ALA B 30 -29.53 -12.41 -7.57
C ALA B 30 -28.31 -11.57 -7.88
N ILE B 31 -27.11 -12.16 -7.81
CA ILE B 31 -25.91 -11.46 -8.25
C ILE B 31 -25.91 -11.35 -9.77
N LYS B 32 -26.25 -12.43 -10.46
CA LYS B 32 -26.37 -12.38 -11.92
C LYS B 32 -27.27 -11.23 -12.35
N ARG B 33 -28.41 -11.06 -11.66
CA ARG B 33 -29.38 -10.06 -12.10
C ARG B 33 -28.88 -8.64 -11.90
N GLU B 34 -28.17 -8.37 -10.78
CA GLU B 34 -27.70 -7.01 -10.52
C GLU B 34 -26.44 -6.69 -11.29
N LEU B 35 -25.67 -7.72 -11.68
CA LEU B 35 -24.58 -7.50 -12.63
C LEU B 35 -25.13 -7.18 -14.01
N GLU B 36 -26.19 -7.88 -14.43
CA GLU B 36 -26.78 -7.63 -15.75
C GLU B 36 -27.25 -6.19 -15.89
N GLU B 37 -27.73 -5.58 -14.80
CA GLU B 37 -28.21 -4.20 -14.90
C GLU B 37 -27.04 -3.23 -15.03
N TYR B 38 -25.89 -3.56 -14.44
CA TYR B 38 -24.71 -2.71 -14.58
C TYR B 38 -24.19 -2.75 -16.01
N TYR B 39 -24.09 -3.94 -16.60
CA TYR B 39 -23.56 -4.08 -17.94
C TYR B 39 -24.58 -3.72 -19.02
N GLY B 40 -25.87 -3.74 -18.70
CA GLY B 40 -26.89 -3.55 -19.70
C GLY B 40 -27.10 -4.72 -20.62
N GLU B 41 -26.32 -5.78 -20.47
CA GLU B 41 -26.45 -7.00 -21.27
C GLU B 41 -26.74 -8.17 -20.36
N GLU B 42 -26.90 -9.35 -20.96
CA GLU B 42 -27.04 -10.57 -20.21
C GLU B 42 -25.69 -11.01 -19.66
N VAL B 43 -25.73 -11.73 -18.55
CA VAL B 43 -24.54 -12.30 -17.93
C VAL B 43 -24.72 -13.80 -17.91
N ASN B 44 -23.99 -14.50 -18.78
CA ASN B 44 -24.13 -15.95 -18.90
C ASN B 44 -23.79 -16.61 -17.57
N HIS B 45 -24.76 -17.33 -17.00
CA HIS B 45 -24.53 -18.00 -15.71
C HIS B 45 -23.33 -18.93 -15.78
N GLY B 46 -23.02 -19.46 -16.96
CA GLY B 46 -21.82 -20.28 -17.10
C GLY B 46 -20.54 -19.51 -16.90
N ARG B 47 -20.61 -18.18 -16.90
CA ARG B 47 -19.49 -17.33 -16.54
C ARG B 47 -19.52 -16.95 -15.07
N LEU B 48 -20.71 -16.88 -14.47
CA LEU B 48 -20.85 -16.40 -13.10
C LEU B 48 -20.43 -17.46 -12.09
N TYR B 49 -21.05 -18.63 -12.13
CA TYR B 49 -20.80 -19.63 -11.11
C TYR B 49 -19.33 -20.03 -11.00
N PRO B 50 -18.57 -20.15 -12.08
CA PRO B 50 -17.13 -20.42 -11.92
C PRO B 50 -16.36 -19.26 -11.32
N ASN B 51 -16.70 -18.02 -11.70
CA ASN B 51 -16.01 -16.87 -11.15
C ASN B 51 -16.27 -16.75 -9.65
N LEU B 52 -17.49 -17.06 -9.22
CA LEU B 52 -17.75 -17.03 -7.78
C LEU B 52 -17.04 -18.17 -7.07
N ASP B 53 -16.93 -19.34 -7.70
CA ASP B 53 -16.18 -20.38 -7.01
C ASP B 53 -14.72 -20.00 -6.88
N ASP B 54 -14.11 -19.34 -7.87
CA ASP B 54 -12.73 -18.88 -7.71
C ASP B 54 -12.62 -17.90 -6.56
N LEU B 55 -13.49 -16.88 -6.54
CA LEU B 55 -13.52 -15.92 -5.45
C LEU B 55 -13.72 -16.60 -4.11
N VAL B 56 -14.31 -17.80 -4.09
CA VAL B 56 -14.53 -18.51 -2.83
C VAL B 56 -13.23 -19.14 -2.35
N ASN B 57 -12.52 -19.82 -3.26
CA ASN B 57 -11.29 -20.49 -2.85
C ASN B 57 -10.21 -19.50 -2.42
N LYS B 58 -10.18 -18.31 -3.03
CA LYS B 58 -9.21 -17.30 -2.63
C LYS B 58 -9.48 -16.74 -1.25
N GLY B 59 -10.62 -17.08 -0.63
CA GLY B 59 -10.97 -16.56 0.67
C GLY B 59 -11.75 -15.26 0.64
N LEU B 60 -12.21 -14.82 -0.53
CA LEU B 60 -12.91 -13.55 -0.64
C LEU B 60 -14.41 -13.71 -0.45
N VAL B 61 -14.99 -14.83 -0.87
CA VAL B 61 -16.42 -15.08 -0.76
C VAL B 61 -16.64 -16.40 -0.06
N GLU B 62 -17.76 -16.52 0.65
CA GLU B 62 -18.16 -17.76 1.29
C GLU B 62 -19.45 -18.27 0.67
N LYS B 63 -19.62 -19.59 0.68
CA LYS B 63 -20.75 -20.26 0.04
C LYS B 63 -21.52 -21.02 1.11
N SER B 64 -22.75 -20.59 1.38
CA SER B 64 -23.67 -21.28 2.26
C SER B 64 -24.88 -21.74 1.45
N GLU B 65 -25.72 -22.54 2.09
CA GLU B 65 -26.88 -23.14 1.43
C GLU B 65 -28.16 -22.58 2.03
N LEU B 66 -29.05 -22.13 1.15
CA LEU B 66 -30.41 -21.74 1.55
C LEU B 66 -31.34 -22.94 1.45
N ASP B 67 -31.54 -23.46 0.24
CA ASP B 67 -32.13 -24.77 0.04
C ASP B 67 -30.99 -25.77 -0.05
N LYS B 68 -31.11 -26.74 -0.96
CA LYS B 68 -29.91 -27.35 -1.50
C LYS B 68 -29.83 -27.13 -3.01
N ARG B 69 -30.87 -26.59 -3.63
CA ARG B 69 -30.77 -26.12 -4.99
C ARG B 69 -30.31 -24.67 -5.08
N THR B 70 -30.17 -23.98 -3.95
CA THR B 70 -29.84 -22.56 -3.93
C THR B 70 -28.68 -22.32 -2.98
N ASN B 71 -27.80 -21.40 -3.36
CA ASN B 71 -26.63 -21.02 -2.57
C ASN B 71 -26.65 -19.52 -2.38
N GLU B 72 -26.56 -19.06 -1.14
CA GLU B 72 -26.40 -17.65 -0.84
C GLU B 72 -24.92 -17.36 -0.63
N TYR B 73 -24.37 -16.48 -1.47
CA TYR B 73 -22.96 -16.14 -1.42
C TYR B 73 -22.78 -14.82 -0.67
N ALA B 74 -21.72 -14.75 0.14
CA ALA B 74 -21.47 -13.59 0.97
C ALA B 74 -19.97 -13.39 1.13
N LEU B 75 -19.56 -12.13 1.27
CA LEU B 75 -18.15 -11.81 1.44
C LEU B 75 -17.63 -12.37 2.76
N THR B 76 -16.41 -12.90 2.72
CA THR B 76 -15.69 -13.16 3.95
C THR B 76 -15.09 -11.86 4.47
N ASN B 77 -14.56 -11.90 5.69
CA ASN B 77 -13.91 -10.71 6.23
C ASN B 77 -12.79 -10.26 5.30
N GLU B 78 -11.99 -11.20 4.79
CA GLU B 78 -10.98 -10.84 3.81
C GLU B 78 -11.62 -10.21 2.58
N GLY B 79 -12.72 -10.79 2.10
CA GLY B 79 -13.38 -10.23 0.93
C GLY B 79 -13.86 -8.81 1.16
N PHE B 80 -14.33 -8.51 2.38
CA PHE B 80 -14.71 -7.14 2.70
C PHE B 80 -13.50 -6.23 2.64
N ASP B 81 -12.39 -6.66 3.24
CA ASP B 81 -11.15 -5.91 3.12
C ASP B 81 -10.77 -5.69 1.65
N ALA B 82 -10.96 -6.71 0.81
CA ALA B 82 -10.64 -6.58 -0.60
C ALA B 82 -11.41 -5.41 -1.23
N VAL B 83 -12.67 -5.25 -0.86
CA VAL B 83 -13.46 -4.14 -1.39
C VAL B 83 -12.99 -2.83 -0.78
N VAL B 84 -12.75 -2.82 0.54
CA VAL B 84 -12.26 -1.60 1.20
C VAL B 84 -10.92 -1.19 0.62
N ASP B 85 -10.02 -2.16 0.40
CA ASP B 85 -8.67 -1.83 -0.05
C ASP B 85 -8.70 -1.15 -1.41
N ASP B 86 -9.50 -1.66 -2.34
N ASP B 86 -9.51 -1.66 -2.33
CA ASP B 86 -9.55 -1.07 -3.67
CA ASP B 86 -9.58 -1.08 -3.66
C ASP B 86 -10.38 0.21 -3.69
C ASP B 86 -10.34 0.24 -3.66
N LEU B 87 -11.27 0.41 -2.72
CA LEU B 87 -11.96 1.69 -2.62
C LEU B 87 -11.00 2.76 -2.09
N GLU B 88 -10.16 2.40 -1.11
CA GLU B 88 -9.15 3.33 -0.63
C GLU B 88 -8.18 3.72 -1.73
N TRP B 89 -7.88 2.78 -2.64
CA TRP B 89 -6.93 3.03 -3.71
C TRP B 89 -7.49 3.96 -4.78
N THR B 90 -8.80 3.87 -5.05
CA THR B 90 -9.40 4.78 -6.02
C THR B 90 -9.50 6.18 -5.44
N LEU B 91 -10.01 6.29 -4.21
CA LEU B 91 -10.13 7.60 -3.59
C LEU B 91 -8.77 8.24 -3.38
N SER B 92 -7.74 7.43 -3.10
CA SER B 92 -6.39 7.97 -3.04
C SER B 92 -6.05 8.73 -4.31
N LYS B 93 -6.43 8.18 -5.47
CA LYS B 93 -6.07 8.75 -6.75
C LYS B 93 -7.13 9.70 -7.30
N PHE B 94 -8.34 9.67 -6.72
CA PHE B 94 -9.39 10.58 -7.16
C PHE B 94 -9.39 11.87 -6.34
N VAL B 95 -9.14 11.78 -5.03
CA VAL B 95 -9.09 12.95 -4.17
C VAL B 95 -7.74 13.64 -4.36
N ALA B 96 -7.48 14.11 -5.58
CA ALA B 96 -6.24 14.80 -5.90
C ALA B 96 -6.34 16.31 -5.71
N ASP B 97 -7.55 16.83 -5.53
CA ASP B 97 -7.78 18.25 -5.34
C ASP B 97 -8.90 18.41 -4.31
N ALA B 98 -8.99 19.62 -3.75
CA ALA B 98 -10.09 19.93 -2.86
C ALA B 98 -11.43 19.87 -3.59
N ASP B 99 -11.45 20.18 -4.88
CA ASP B 99 -12.66 20.03 -5.68
C ASP B 99 -13.04 18.55 -5.81
N ARG B 100 -12.07 17.70 -6.16
CA ARG B 100 -12.34 16.28 -6.27
C ARG B 100 -12.97 15.73 -5.00
N ARG B 101 -12.47 16.15 -3.84
CA ARG B 101 -12.94 15.61 -2.58
C ARG B 101 -14.45 15.79 -2.44
N GLU B 102 -14.91 17.03 -2.46
CA GLU B 102 -16.32 17.27 -2.15
C GLU B 102 -17.23 16.72 -3.23
N ARG B 103 -16.75 16.55 -4.46
CA ARG B 103 -17.47 15.76 -5.44
C ARG B 103 -17.76 14.37 -4.88
N VAL B 104 -16.78 13.80 -4.16
CA VAL B 104 -17.02 12.53 -3.48
C VAL B 104 -18.02 12.71 -2.35
N GLU B 105 -17.89 13.78 -1.57
CA GLU B 105 -18.76 13.98 -0.41
C GLU B 105 -20.23 14.03 -0.82
N THR B 106 -20.54 14.75 -1.91
CA THR B 106 -21.92 14.77 -2.38
C THR B 106 -22.32 13.43 -3.00
N ILE B 107 -21.37 12.72 -3.62
CA ILE B 107 -21.65 11.38 -4.10
C ILE B 107 -22.05 10.48 -2.94
N VAL B 108 -21.36 10.60 -1.81
CA VAL B 108 -21.75 9.86 -0.61
C VAL B 108 -23.07 10.40 -0.09
N ALA B 109 -23.17 11.72 0.06
CA ALA B 109 -24.37 12.32 0.62
C ALA B 109 -25.62 11.87 -0.12
N ASP B 110 -25.57 11.89 -1.45
CA ASP B 110 -26.71 11.44 -2.24
C ASP B 110 -27.03 9.98 -1.96
N ASP B 111 -25.99 9.15 -1.80
CA ASP B 111 -26.23 7.75 -1.49
C ASP B 111 -26.69 7.57 -0.04
N ALA B 112 -26.40 8.52 0.84
CA ALA B 112 -26.97 8.51 2.17
C ALA B 112 -28.45 8.85 2.14
N ALA B 113 -28.87 9.68 1.19
CA ALA B 113 -30.29 9.99 1.04
C ALA B 113 -31.07 8.80 0.52
N ALA B 114 -30.43 7.92 -0.26
CA ALA B 114 -31.13 6.82 -0.89
C ALA B 114 -31.61 5.77 0.10
N LEU B 115 -31.05 5.74 1.31
CA LEU B 115 -31.51 4.83 2.36
C LEU B 115 -32.69 5.50 3.07
N GLU B 116 -33.88 4.95 2.88
CA GLU B 116 -35.11 5.60 3.33
C GLU B 116 -35.15 7.05 2.86
N ALA C 7 4.75 10.70 7.16
CA ALA C 7 4.86 9.27 7.40
C ALA C 7 6.31 8.86 7.67
N ARG C 8 7.25 9.70 7.25
CA ARG C 8 8.67 9.47 7.46
C ARG C 8 9.20 10.10 8.74
N ASP C 9 8.35 10.76 9.52
CA ASP C 9 8.75 11.37 10.78
C ASP C 9 8.24 10.59 11.99
N LEU C 10 7.64 9.42 11.78
CA LEU C 10 7.18 8.61 12.88
C LEU C 10 8.34 8.21 13.79
N THR C 11 8.02 7.93 15.04
CA THR C 11 9.03 7.43 15.96
C THR C 11 9.39 5.98 15.62
N ALA C 12 10.51 5.52 16.16
CA ALA C 12 10.90 4.13 15.97
C ALA C 12 9.83 3.19 16.52
N PHE C 13 9.25 3.55 17.67
CA PHE C 13 8.24 2.71 18.29
C PHE C 13 7.03 2.56 17.39
N GLN C 14 6.63 3.65 16.70
CA GLN C 14 5.45 3.59 15.85
C GLN C 14 5.74 2.82 14.56
N LYS C 15 6.92 3.01 13.97
CA LYS C 15 7.27 2.27 12.77
C LYS C 15 7.29 0.77 13.03
N ASN C 16 7.61 0.37 14.25
CA ASN C 16 7.52 -1.05 14.61
C ASN C 16 6.08 -1.51 14.71
N ILE C 17 5.16 -0.60 15.08
CA ILE C 17 3.74 -0.94 15.07
C ILE C 17 3.29 -1.23 13.65
N LEU C 18 3.53 -0.28 12.73
CA LEU C 18 3.15 -0.51 11.34
C LEU C 18 3.81 -1.77 10.79
N THR C 19 5.03 -2.08 11.24
CA THR C 19 5.69 -3.28 10.79
C THR C 19 5.02 -4.53 11.31
N VAL C 20 4.54 -4.49 12.57
CA VAL C 20 3.84 -5.63 13.14
C VAL C 20 2.49 -5.81 12.44
N LEU C 21 1.74 -4.71 12.27
CA LEU C 21 0.51 -4.77 11.52
C LEU C 21 0.75 -5.25 10.09
N GLY C 22 1.88 -4.89 9.50
CA GLY C 22 2.19 -5.35 8.16
C GLY C 22 2.09 -6.85 8.01
N GLU C 23 2.37 -7.59 9.10
CA GLU C 23 2.26 -9.04 9.04
C GLU C 23 0.82 -9.49 9.05
N GLU C 24 -0.01 -8.85 9.87
CA GLU C 24 -1.44 -9.13 9.94
C GLU C 24 -2.08 -8.13 10.88
N ALA C 25 -3.34 -7.78 10.59
CA ALA C 25 -4.09 -6.92 11.49
C ALA C 25 -4.32 -7.64 12.81
N ARG C 26 -4.13 -6.92 13.91
CA ARG C 26 -4.17 -7.51 15.24
C ARG C 26 -4.93 -6.58 16.18
N TYR C 27 -5.32 -7.14 17.32
CA TYR C 27 -5.97 -6.36 18.37
C TYR C 27 -4.92 -5.85 19.36
N GLY C 28 -5.30 -4.83 20.11
CA GLY C 28 -4.39 -4.10 20.98
C GLY C 28 -3.31 -4.92 21.66
N LEU C 29 -3.70 -5.69 22.67
CA LEU C 29 -2.72 -6.45 23.46
C LEU C 29 -1.91 -7.41 22.59
N ALA C 30 -2.42 -7.80 21.42
CA ALA C 30 -1.62 -8.64 20.54
C ALA C 30 -0.44 -7.86 19.95
N ILE C 31 -0.67 -6.60 19.58
CA ILE C 31 0.43 -5.75 19.15
C ILE C 31 1.42 -5.56 20.30
N LYS C 32 0.90 -5.37 21.52
CA LYS C 32 1.74 -5.32 22.69
C LYS C 32 2.67 -6.54 22.75
N ARG C 33 2.08 -7.73 22.72
CA ARG C 33 2.88 -8.95 22.90
C ARG C 33 3.94 -9.10 21.83
N GLU C 34 3.58 -8.86 20.56
CA GLU C 34 4.56 -8.98 19.48
C GLU C 34 5.71 -8.00 19.70
N LEU C 35 5.39 -6.75 20.01
CA LEU C 35 6.43 -5.76 20.26
C LEU C 35 7.32 -6.18 21.42
N GLU C 36 6.76 -6.84 22.43
CA GLU C 36 7.54 -7.20 23.61
C GLU C 36 8.60 -8.24 23.28
N GLU C 37 8.30 -9.17 22.38
CA GLU C 37 9.30 -10.13 21.96
C GLU C 37 10.36 -9.48 21.09
N TYR C 38 10.04 -8.38 20.41
CA TYR C 38 11.05 -7.65 19.65
C TYR C 38 11.97 -6.86 20.57
N TYR C 39 11.38 -6.11 21.51
CA TYR C 39 12.15 -5.28 22.42
C TYR C 39 12.79 -6.06 23.57
N GLY C 40 12.37 -7.30 23.80
CA GLY C 40 12.88 -8.06 24.91
C GLY C 40 12.46 -7.55 26.27
N GLU C 41 11.39 -6.76 26.32
CA GLU C 41 10.94 -6.15 27.56
C GLU C 41 9.48 -5.77 27.41
N GLU C 42 8.70 -5.98 28.47
CA GLU C 42 7.27 -5.74 28.40
C GLU C 42 6.98 -4.25 28.22
N VAL C 43 6.04 -3.95 27.33
CA VAL C 43 5.78 -2.59 26.86
C VAL C 43 4.45 -2.14 27.46
N ASN C 44 4.50 -1.24 28.45
CA ASN C 44 3.29 -0.78 29.10
C ASN C 44 2.26 -0.33 28.07
N HIS C 45 0.98 -0.53 28.40
CA HIS C 45 -0.10 -0.18 27.49
C HIS C 45 -0.40 1.31 27.48
N GLY C 46 -0.05 2.04 28.54
CA GLY C 46 -0.23 3.48 28.53
C GLY C 46 0.56 4.18 27.45
N ARG C 47 1.53 3.50 26.86
CA ARG C 47 2.29 4.01 25.73
C ARG C 47 1.79 3.50 24.40
N LEU C 48 1.29 2.25 24.35
CA LEU C 48 0.86 1.66 23.09
C LEU C 48 -0.39 2.34 22.56
N TYR C 49 -1.44 2.40 23.37
CA TYR C 49 -2.73 2.87 22.87
C TYR C 49 -2.69 4.31 22.38
N PRO C 50 -2.04 5.26 23.03
CA PRO C 50 -1.97 6.61 22.45
C PRO C 50 -1.12 6.65 21.19
N ASN C 51 -0.13 5.77 21.06
CA ASN C 51 0.62 5.67 19.81
C ASN C 51 -0.24 5.05 18.72
N LEU C 52 -1.09 4.09 19.08
CA LEU C 52 -2.01 3.52 18.09
C LEU C 52 -3.08 4.53 17.69
N ASP C 53 -3.63 5.25 18.67
CA ASP C 53 -4.67 6.24 18.37
C ASP C 53 -4.11 7.36 17.50
N ASP C 54 -2.86 7.76 17.73
CA ASP C 54 -2.29 8.81 16.89
C ASP C 54 -1.89 8.28 15.52
N LEU C 55 -1.66 6.97 15.39
CA LEU C 55 -1.44 6.40 14.06
C LEU C 55 -2.71 6.46 13.22
N VAL C 56 -3.88 6.36 13.85
CA VAL C 56 -5.13 6.49 13.12
C VAL C 56 -5.41 7.94 12.79
N ASN C 57 -5.04 8.85 13.70
CA ASN C 57 -5.14 10.27 13.40
C ASN C 57 -4.25 10.66 12.22
N LYS C 58 -3.16 9.91 12.01
CA LYS C 58 -2.28 10.14 10.86
C LYS C 58 -2.78 9.48 9.59
N GLY C 59 -3.85 8.69 9.67
CA GLY C 59 -4.39 8.04 8.49
C GLY C 59 -3.62 6.83 8.04
N LEU C 60 -2.75 6.28 8.90
CA LEU C 60 -1.96 5.10 8.59
C LEU C 60 -2.58 3.82 9.13
N VAL C 61 -3.50 3.92 10.08
CA VAL C 61 -4.19 2.79 10.67
C VAL C 61 -5.64 3.20 10.86
N GLU C 62 -6.50 2.22 11.05
CA GLU C 62 -7.85 2.54 11.51
C GLU C 62 -8.40 1.33 12.25
N LYS C 63 -9.26 1.63 13.22
CA LYS C 63 -9.78 0.65 14.16
C LYS C 63 -11.06 0.02 13.63
N SER C 64 -11.37 -1.14 14.19
CA SER C 64 -12.65 -1.81 14.00
C SER C 64 -13.15 -2.23 15.38
N GLU C 65 -14.30 -2.90 15.40
CA GLU C 65 -14.92 -3.33 16.66
C GLU C 65 -15.11 -4.84 16.60
N LEU C 66 -14.16 -5.59 17.15
CA LEU C 66 -14.36 -7.02 17.35
C LEU C 66 -15.40 -7.22 18.44
N ASP C 67 -15.05 -6.88 19.67
CA ASP C 67 -15.99 -6.74 20.77
C ASP C 67 -16.18 -5.26 21.07
N LYS C 68 -17.16 -4.96 21.92
CA LYS C 68 -17.32 -3.60 22.43
C LYS C 68 -16.28 -3.28 23.50
N ARG C 69 -15.37 -4.20 23.78
CA ARG C 69 -14.19 -3.94 24.60
C ARG C 69 -12.89 -4.16 23.85
N THR C 70 -12.93 -4.72 22.64
CA THR C 70 -11.75 -5.10 21.89
C THR C 70 -11.83 -4.51 20.50
N ASN C 71 -10.73 -3.88 20.06
CA ASN C 71 -10.65 -3.30 18.74
C ASN C 71 -9.56 -4.01 17.94
N GLU C 72 -9.74 -4.04 16.62
CA GLU C 72 -8.78 -4.62 15.71
C GLU C 72 -8.12 -3.49 14.92
N TYR C 73 -6.80 -3.40 15.02
CA TYR C 73 -6.03 -2.39 14.30
C TYR C 73 -5.46 -3.00 13.03
N ALA C 74 -5.51 -2.24 11.94
CA ALA C 74 -5.08 -2.75 10.65
C ALA C 74 -4.52 -1.59 9.83
N LEU C 75 -3.50 -1.89 9.02
CA LEU C 75 -2.96 -0.88 8.11
C LEU C 75 -3.99 -0.51 7.07
N THR C 76 -4.13 0.79 6.81
CA THR C 76 -4.86 1.26 5.64
C THR C 76 -3.92 1.36 4.44
N ASN C 77 -4.50 1.59 3.27
CA ASN C 77 -3.68 1.72 2.06
C ASN C 77 -2.58 2.76 2.26
N GLU C 78 -2.89 3.86 2.94
CA GLU C 78 -1.89 4.88 3.23
C GLU C 78 -0.76 4.33 4.09
N GLY C 79 -1.14 3.71 5.22
CA GLY C 79 -0.13 3.12 6.08
C GLY C 79 0.63 2.00 5.40
N PHE C 80 -0.07 1.19 4.60
CA PHE C 80 0.60 0.14 3.85
C PHE C 80 1.69 0.73 2.97
N ASP C 81 1.38 1.81 2.26
CA ASP C 81 2.39 2.46 1.43
C ASP C 81 3.56 2.92 2.29
N ALA C 82 3.27 3.51 3.45
CA ALA C 82 4.34 3.95 4.34
C ALA C 82 5.32 2.81 4.62
N VAL C 83 4.80 1.60 4.87
CA VAL C 83 5.67 0.45 5.06
C VAL C 83 6.51 0.21 3.81
N VAL C 84 5.88 0.28 2.63
CA VAL C 84 6.60 0.03 1.39
C VAL C 84 7.57 1.18 1.09
N ASP C 85 7.13 2.43 1.29
CA ASP C 85 7.99 3.56 0.99
C ASP C 85 9.28 3.51 1.82
N ASP C 86 9.18 3.08 3.07
CA ASP C 86 10.36 2.99 3.91
C ASP C 86 11.20 1.77 3.55
N LEU C 87 10.56 0.62 3.35
CA LEU C 87 11.30 -0.56 2.91
C LEU C 87 12.04 -0.27 1.61
N GLU C 88 11.37 0.40 0.66
CA GLU C 88 12.03 0.74 -0.60
C GLU C 88 13.25 1.62 -0.37
N TRP C 89 13.20 2.47 0.66
CA TRP C 89 14.30 3.40 0.93
C TRP C 89 15.49 2.69 1.54
N THR C 90 15.27 1.87 2.57
CA THR C 90 16.38 1.17 3.19
C THR C 90 17.00 0.16 2.22
N LEU C 91 16.23 -0.33 1.25
CA LEU C 91 16.80 -1.24 0.27
C LEU C 91 17.61 -0.48 -0.78
N SER C 92 17.18 0.71 -1.17
CA SER C 92 17.97 1.51 -2.10
C SER C 92 19.36 1.78 -1.55
N LYS C 93 19.48 1.94 -0.22
CA LYS C 93 20.78 2.17 0.40
C LYS C 93 21.52 0.89 0.70
N PHE C 94 20.82 -0.21 0.98
CA PHE C 94 21.49 -1.47 1.30
C PHE C 94 21.99 -2.18 0.03
N VAL C 95 21.10 -2.34 -0.95
CA VAL C 95 21.46 -2.97 -2.21
C VAL C 95 22.41 -2.06 -2.96
N ALA C 96 23.69 -2.10 -2.60
CA ALA C 96 24.71 -1.28 -3.24
C ALA C 96 25.64 -2.07 -4.17
N ASP C 97 25.70 -3.38 -4.03
CA ASP C 97 26.56 -4.23 -4.85
C ASP C 97 25.86 -5.56 -5.07
N ALA C 98 26.41 -6.37 -5.99
CA ALA C 98 25.85 -7.68 -6.25
C ALA C 98 25.80 -8.54 -5.01
N ASP C 99 26.78 -8.41 -4.11
CA ASP C 99 26.80 -9.23 -2.90
C ASP C 99 25.73 -8.79 -1.91
N ARG C 100 25.47 -7.48 -1.82
CA ARG C 100 24.39 -6.99 -0.96
C ARG C 100 23.04 -7.49 -1.46
N ARG C 101 22.84 -7.48 -2.78
CA ARG C 101 21.60 -8.00 -3.34
C ARG C 101 21.43 -9.48 -3.02
N GLU C 102 22.49 -10.27 -3.18
CA GLU C 102 22.39 -11.70 -2.89
C GLU C 102 22.09 -11.94 -1.43
N ARG C 103 22.66 -11.13 -0.53
CA ARG C 103 22.30 -11.24 0.87
C ARG C 103 20.81 -10.95 1.06
N VAL C 104 20.31 -9.91 0.39
CA VAL C 104 18.91 -9.52 0.55
C VAL C 104 18.00 -10.59 -0.06
N GLU C 105 18.34 -11.07 -1.24
CA GLU C 105 17.45 -12.01 -1.93
C GLU C 105 17.53 -13.42 -1.35
N THR C 106 18.58 -13.75 -0.59
CA THR C 106 18.57 -14.96 0.20
C THR C 106 17.66 -14.83 1.40
N ILE C 107 17.78 -13.71 2.13
CA ILE C 107 16.88 -13.42 3.23
C ILE C 107 15.43 -13.62 2.80
N VAL C 108 15.10 -13.09 1.63
CA VAL C 108 13.71 -13.14 1.15
C VAL C 108 13.36 -14.54 0.69
N ALA C 109 14.31 -15.24 0.07
CA ALA C 109 14.05 -16.59 -0.39
C ALA C 109 13.73 -17.51 0.78
N ASP C 110 14.54 -17.46 1.84
CA ASP C 110 14.25 -18.34 2.96
C ASP C 110 13.12 -17.80 3.83
N ASP C 111 12.94 -16.47 3.91
CA ASP C 111 11.77 -15.94 4.59
C ASP C 111 10.48 -16.50 4.01
N ALA C 112 10.43 -16.67 2.70
CA ALA C 112 9.25 -17.22 2.06
C ALA C 112 9.14 -18.71 2.31
N ALA C 113 10.24 -19.45 2.12
CA ALA C 113 10.22 -20.88 2.36
C ALA C 113 9.81 -21.19 3.80
N ALA C 114 10.07 -20.27 4.72
CA ALA C 114 9.68 -20.48 6.12
C ALA C 114 8.17 -20.56 6.29
N LEU C 115 7.41 -19.96 5.38
CA LEU C 115 5.96 -20.03 5.44
C LEU C 115 5.39 -21.40 5.06
N GLU C 116 6.23 -22.44 5.00
CA GLU C 116 5.79 -23.79 4.67
C GLU C 116 4.80 -23.80 3.50
N ALA D 3 23.55 -7.97 18.50
CA ALA D 3 23.17 -7.22 17.31
C ALA D 3 21.75 -6.67 17.46
N ARG D 4 20.78 -7.57 17.62
CA ARG D 4 19.43 -7.14 17.98
C ARG D 4 19.47 -6.36 19.29
N SER D 5 20.38 -6.72 20.19
CA SER D 5 20.61 -5.96 21.42
C SER D 5 20.67 -4.46 21.15
N ASP D 6 21.44 -4.06 20.15
CA ASP D 6 21.76 -2.67 19.86
C ASP D 6 20.94 -2.10 18.72
N ALA D 7 20.18 -2.92 18.00
CA ALA D 7 19.34 -2.43 16.92
C ALA D 7 17.94 -2.04 17.40
N ARG D 8 17.47 -2.63 18.48
CA ARG D 8 16.12 -2.38 18.96
C ARG D 8 16.02 -1.06 19.70
N ASP D 9 17.04 -0.69 20.46
CA ASP D 9 17.03 0.54 21.25
C ASP D 9 17.76 1.64 20.49
N LEU D 10 17.14 2.08 19.39
CA LEU D 10 17.69 3.13 18.55
C LEU D 10 16.57 4.04 18.07
N THR D 11 16.81 5.34 18.10
CA THR D 11 15.84 6.29 17.57
C THR D 11 15.67 6.07 16.06
N ALA D 12 14.52 6.48 15.54
CA ALA D 12 14.31 6.43 14.10
C ALA D 12 15.36 7.26 13.37
N PHE D 13 15.81 8.34 14.00
CA PHE D 13 16.83 9.19 13.38
C PHE D 13 18.18 8.49 13.33
N GLN D 14 18.59 7.88 14.45
CA GLN D 14 19.85 7.15 14.46
C GLN D 14 19.80 5.93 13.55
N LYS D 15 18.65 5.26 13.50
CA LYS D 15 18.55 4.08 12.65
C LYS D 15 18.75 4.44 11.18
N ASN D 16 18.12 5.52 10.71
CA ASN D 16 18.29 5.90 9.32
C ASN D 16 19.59 6.66 9.07
N ILE D 17 20.37 6.94 10.11
CA ILE D 17 21.74 7.37 9.91
C ILE D 17 22.62 6.18 9.56
N LEU D 18 22.35 5.02 10.15
CA LEU D 18 23.08 3.82 9.77
C LEU D 18 22.70 3.34 8.38
N THR D 19 21.45 3.58 7.98
CA THR D 19 21.00 3.12 6.65
C THR D 19 21.74 3.85 5.54
N VAL D 20 22.08 5.13 5.76
CA VAL D 20 22.77 5.89 4.72
C VAL D 20 24.24 5.51 4.67
N LEU D 21 24.85 5.25 5.83
CA LEU D 21 26.22 4.74 5.83
C LEU D 21 26.30 3.36 5.19
N GLY D 22 25.22 2.57 5.26
CA GLY D 22 25.19 1.30 4.58
C GLY D 22 25.49 1.42 3.10
N GLU D 23 25.07 2.53 2.49
CA GLU D 23 25.39 2.76 1.08
C GLU D 23 26.86 3.04 0.89
N GLU D 24 27.40 3.99 1.66
CA GLU D 24 28.79 4.41 1.52
C GLU D 24 29.18 5.18 2.77
N ALA D 25 30.47 5.11 3.10
CA ALA D 25 31.01 5.93 4.16
C ALA D 25 31.09 7.38 3.68
N ARG D 26 30.49 8.29 4.43
CA ARG D 26 30.44 9.71 4.09
C ARG D 26 30.90 10.54 5.27
N TYR D 27 31.00 11.84 5.06
CA TYR D 27 31.32 12.77 6.13
C TYR D 27 30.06 13.46 6.63
N GLY D 28 30.21 14.21 7.71
CA GLY D 28 29.08 14.79 8.43
C GLY D 28 28.02 15.44 7.56
N LEU D 29 28.37 16.53 6.88
CA LEU D 29 27.38 17.25 6.09
C LEU D 29 26.85 16.41 4.95
N ALA D 30 27.62 15.44 4.47
CA ALA D 30 27.14 14.56 3.42
C ALA D 30 25.97 13.72 3.91
N ILE D 31 26.05 13.22 5.14
CA ILE D 31 24.93 12.49 5.74
C ILE D 31 23.73 13.42 5.90
N LYS D 32 23.98 14.67 6.31
CA LYS D 32 22.89 15.64 6.43
C LYS D 32 22.11 15.77 5.13
N ARG D 33 22.81 15.94 4.00
CA ARG D 33 22.14 16.12 2.73
C ARG D 33 21.29 14.90 2.36
N GLU D 34 21.81 13.70 2.63
CA GLU D 34 21.06 12.48 2.32
C GLU D 34 19.80 12.38 3.17
N LEU D 35 19.94 12.53 4.49
CA LEU D 35 18.78 12.53 5.38
C LEU D 35 17.77 13.59 4.95
N GLU D 36 18.26 14.75 4.50
CA GLU D 36 17.36 15.79 4.02
C GLU D 36 16.53 15.31 2.85
N GLU D 37 17.13 14.52 1.95
CA GLU D 37 16.38 13.99 0.82
C GLU D 37 15.34 12.97 1.27
N TYR D 38 15.60 12.27 2.38
CA TYR D 38 14.65 11.29 2.87
C TYR D 38 13.50 11.95 3.63
N TYR D 39 13.82 12.87 4.54
CA TYR D 39 12.80 13.54 5.32
C TYR D 39 12.05 14.61 4.53
N GLY D 40 12.67 15.17 3.49
CA GLY D 40 12.04 16.25 2.75
C GLY D 40 12.10 17.59 3.46
N GLU D 41 13.16 17.86 4.20
CA GLU D 41 13.29 19.10 4.95
C GLU D 41 14.70 19.17 5.52
N GLU D 42 15.22 20.38 5.64
CA GLU D 42 16.57 20.54 6.17
C GLU D 42 16.65 19.98 7.59
N VAL D 43 17.74 19.28 7.87
CA VAL D 43 17.98 18.64 9.15
C VAL D 43 19.05 19.41 9.89
N ASN D 44 18.74 19.87 11.10
CA ASN D 44 19.68 20.64 11.89
C ASN D 44 20.95 19.83 12.14
N HIS D 45 22.10 20.44 11.87
CA HIS D 45 23.38 19.79 12.15
C HIS D 45 23.66 19.69 13.65
N GLY D 46 23.08 20.56 14.46
CA GLY D 46 23.15 20.42 15.89
C GLY D 46 22.44 19.20 16.43
N ARG D 47 21.64 18.53 15.60
CA ARG D 47 21.02 17.25 15.93
C ARG D 47 21.75 16.08 15.30
N LEU D 48 22.55 16.31 14.25
CA LEU D 48 23.20 15.23 13.52
C LEU D 48 24.48 14.77 14.22
N TYR D 49 25.35 15.72 14.59
CA TYR D 49 26.65 15.34 15.15
C TYR D 49 26.52 14.71 16.53
N PRO D 50 25.74 15.26 17.47
CA PRO D 50 25.58 14.54 18.75
C PRO D 50 25.04 13.13 18.59
N ASN D 51 24.12 12.91 17.64
CA ASN D 51 23.63 11.56 17.38
C ASN D 51 24.74 10.70 16.77
N LEU D 52 25.54 11.27 15.87
CA LEU D 52 26.70 10.56 15.33
C LEU D 52 27.68 10.19 16.44
N ASP D 53 27.86 11.07 17.42
CA ASP D 53 28.80 10.80 18.51
C ASP D 53 28.33 9.60 19.33
N ASP D 54 27.04 9.53 19.64
CA ASP D 54 26.53 8.39 20.41
C ASP D 54 26.67 7.10 19.63
N LEU D 55 26.28 7.12 18.36
CA LEU D 55 26.49 5.95 17.51
C LEU D 55 27.94 5.49 17.56
N VAL D 56 28.88 6.44 17.62
CA VAL D 56 30.30 6.09 17.71
C VAL D 56 30.59 5.41 19.04
N ASN D 57 30.07 5.98 20.14
CA ASN D 57 30.28 5.37 21.46
C ASN D 57 29.57 4.03 21.57
N LYS D 58 28.43 3.88 20.90
CA LYS D 58 27.72 2.61 20.90
C LYS D 58 28.44 1.53 20.11
N GLY D 59 29.57 1.86 19.49
CA GLY D 59 30.36 0.87 18.76
C GLY D 59 29.83 0.52 17.39
N LEU D 60 28.99 1.39 16.80
CA LEU D 60 28.35 1.09 15.52
C LEU D 60 28.88 1.94 14.37
N VAL D 61 29.46 3.10 14.65
CA VAL D 61 30.00 3.99 13.62
C VAL D 61 31.43 4.34 14.00
N GLU D 62 32.31 4.40 13.00
CA GLU D 62 33.72 4.70 13.20
C GLU D 62 33.98 6.15 12.78
N LYS D 63 34.55 6.94 13.67
CA LYS D 63 34.95 8.30 13.35
C LYS D 63 36.42 8.30 12.93
N SER D 64 36.71 8.94 11.80
CA SER D 64 38.07 9.03 11.31
C SER D 64 38.29 10.41 10.70
N GLU D 65 39.56 10.78 10.57
CA GLU D 65 39.94 12.09 10.06
C GLU D 65 40.10 12.04 8.55
N LEU D 66 39.29 12.83 7.84
CA LEU D 66 39.50 13.07 6.42
C LEU D 66 40.40 14.29 6.21
N ASP D 67 39.98 15.43 6.75
CA ASP D 67 40.84 16.61 6.93
C ASP D 67 40.93 16.88 8.42
N LYS D 68 41.42 18.07 8.77
CA LYS D 68 41.35 18.54 10.15
C LYS D 68 40.09 19.37 10.40
N ARG D 69 39.22 19.51 9.39
CA ARG D 69 37.87 20.03 9.56
C ARG D 69 36.82 19.02 9.15
N THR D 70 37.22 17.87 8.63
CA THR D 70 36.30 16.88 8.06
C THR D 70 36.52 15.53 8.72
N ASN D 71 35.42 14.88 9.10
CA ASN D 71 35.44 13.53 9.64
C ASN D 71 34.57 12.64 8.77
N GLU D 72 35.12 11.51 8.34
CA GLU D 72 34.39 10.55 7.51
C GLU D 72 33.90 9.41 8.39
N TYR D 73 32.59 9.33 8.58
CA TYR D 73 31.97 8.30 9.39
C TYR D 73 31.65 7.09 8.52
N ALA D 74 31.81 5.90 9.10
CA ALA D 74 31.59 4.66 8.37
C ALA D 74 31.06 3.60 9.33
N LEU D 75 30.27 2.68 8.78
CA LEU D 75 29.75 1.57 9.56
C LEU D 75 30.90 0.65 9.95
N THR D 76 31.05 0.39 11.24
CA THR D 76 31.83 -0.76 11.67
C THR D 76 31.00 -2.01 11.36
N ASN D 77 31.40 -3.17 11.90
CA ASN D 77 30.65 -4.38 11.64
C ASN D 77 29.52 -4.59 12.63
N GLU D 78 29.70 -4.19 13.90
CA GLU D 78 28.59 -4.25 14.83
C GLU D 78 27.43 -3.37 14.38
N GLY D 79 27.75 -2.24 13.74
CA GLY D 79 26.71 -1.40 13.18
C GLY D 79 26.12 -1.98 11.91
N PHE D 80 26.92 -2.71 11.14
CA PHE D 80 26.38 -3.40 9.97
C PHE D 80 25.46 -4.54 10.38
N ASP D 81 25.83 -5.27 11.43
CA ASP D 81 24.95 -6.32 11.95
C ASP D 81 23.60 -5.74 12.37
N ALA D 82 23.60 -4.52 12.91
CA ALA D 82 22.35 -3.91 13.35
C ALA D 82 21.43 -3.62 12.18
N VAL D 83 21.96 -3.04 11.09
CA VAL D 83 21.11 -2.75 9.96
C VAL D 83 20.71 -4.05 9.26
N VAL D 84 21.59 -5.05 9.24
CA VAL D 84 21.22 -6.30 8.60
C VAL D 84 20.09 -6.98 9.38
N ASP D 85 20.18 -6.98 10.72
CA ASP D 85 19.24 -7.76 11.54
C ASP D 85 17.91 -7.02 11.68
N ASP D 86 17.94 -5.69 11.73
CA ASP D 86 16.68 -4.95 11.63
C ASP D 86 16.08 -5.10 10.25
N LEU D 87 16.90 -5.06 9.19
CA LEU D 87 16.39 -5.37 7.86
C LEU D 87 15.74 -6.74 7.84
N GLU D 88 16.42 -7.75 8.36
CA GLU D 88 15.85 -9.08 8.42
C GLU D 88 14.51 -9.06 9.14
N TRP D 89 14.40 -8.26 10.21
CA TRP D 89 13.17 -8.25 11.00
C TRP D 89 12.03 -7.60 10.23
N THR D 90 12.28 -6.47 9.56
CA THR D 90 11.23 -5.83 8.79
C THR D 90 10.77 -6.73 7.65
N LEU D 91 11.70 -7.47 7.05
CA LEU D 91 11.32 -8.41 6.00
C LEU D 91 10.64 -9.64 6.58
N SER D 92 11.05 -10.07 7.77
CA SER D 92 10.41 -11.20 8.43
C SER D 92 8.90 -10.98 8.53
N LYS D 93 8.49 -9.77 8.90
CA LYS D 93 7.07 -9.46 9.06
C LYS D 93 6.42 -9.00 7.77
N PHE D 94 7.20 -8.53 6.80
CA PHE D 94 6.63 -8.07 5.54
C PHE D 94 6.33 -9.22 4.61
N VAL D 95 7.30 -10.09 4.37
CA VAL D 95 7.12 -11.25 3.51
C VAL D 95 6.25 -12.26 4.24
N ALA D 96 4.95 -12.01 4.28
CA ALA D 96 3.98 -12.96 4.84
C ALA D 96 3.22 -13.73 3.78
N ASP D 97 3.22 -13.27 2.54
CA ASP D 97 2.58 -13.94 1.43
C ASP D 97 3.58 -14.11 0.29
N ALA D 98 3.24 -15.00 -0.65
CA ALA D 98 4.06 -15.12 -1.86
C ALA D 98 3.96 -13.88 -2.72
N ASP D 99 2.83 -13.17 -2.68
CA ASP D 99 2.72 -11.92 -3.41
C ASP D 99 3.49 -10.79 -2.73
N ARG D 100 3.64 -10.87 -1.40
CA ARG D 100 4.55 -9.96 -0.71
C ARG D 100 5.99 -10.20 -1.18
N ARG D 101 6.43 -11.45 -1.15
CA ARG D 101 7.75 -11.79 -1.67
C ARG D 101 7.94 -11.23 -3.06
N GLU D 102 7.03 -11.56 -3.98
CA GLU D 102 7.10 -11.01 -5.34
C GLU D 102 7.32 -9.50 -5.31
N ARG D 103 6.48 -8.77 -4.56
CA ARG D 103 6.64 -7.33 -4.45
C ARG D 103 8.03 -6.97 -3.94
N VAL D 104 8.53 -7.72 -2.96
CA VAL D 104 9.84 -7.41 -2.38
C VAL D 104 10.95 -7.59 -3.40
N GLU D 105 10.77 -8.49 -4.36
CA GLU D 105 11.84 -8.76 -5.31
C GLU D 105 11.77 -7.85 -6.53
N THR D 106 10.59 -7.34 -6.87
CA THR D 106 10.55 -6.31 -7.90
C THR D 106 11.18 -5.01 -7.40
N ILE D 107 11.09 -4.76 -6.10
CA ILE D 107 11.79 -3.61 -5.51
C ILE D 107 13.29 -3.78 -5.67
N VAL D 108 13.80 -5.00 -5.45
CA VAL D 108 15.23 -5.24 -5.49
C VAL D 108 15.70 -5.43 -6.93
N ALA D 109 14.87 -6.00 -7.79
CA ALA D 109 15.28 -6.24 -9.17
C ALA D 109 15.67 -4.94 -9.86
N ASP D 110 14.89 -3.87 -9.64
CA ASP D 110 15.21 -2.59 -10.27
C ASP D 110 16.14 -1.72 -9.43
N ASP D 111 16.23 -1.98 -8.12
CA ASP D 111 17.29 -1.36 -7.33
C ASP D 111 18.66 -1.82 -7.82
N ALA D 112 18.74 -3.04 -8.33
CA ALA D 112 19.96 -3.50 -8.98
C ALA D 112 20.11 -2.86 -10.35
N ALA D 113 18.99 -2.62 -11.04
CA ALA D 113 19.04 -1.98 -12.35
C ALA D 113 19.52 -0.52 -12.23
N ALA D 114 19.30 0.10 -11.07
CA ALA D 114 19.75 1.47 -10.87
C ALA D 114 21.24 1.58 -10.60
N LEU D 115 21.95 0.46 -10.48
CA LEU D 115 23.40 0.46 -10.37
C LEU D 115 24.07 0.35 -11.74
N GLU D 116 23.32 0.49 -12.82
CA GLU D 116 23.87 0.43 -14.17
C GLU D 116 24.40 -0.97 -14.47
#